data_9HLU
#
_entry.id   9HLU
#
_cell.length_a   85.820
_cell.length_b   85.820
_cell.length_c   91.160
_cell.angle_alpha   90.00
_cell.angle_beta   90.00
_cell.angle_gamma   120.00
#
_symmetry.space_group_name_H-M   'P 31 2 1'
#
loop_
_entity.id
_entity.type
_entity.pdbx_description
1 polymer 'Telomeric repeat-binding factor 1'
2 non-polymer (4-bromo-2-methoxyphenyl)methanol
3 non-polymer 'DIMETHYL SULFOXIDE'
4 water water
#
_entity_poly.entity_id   1
_entity_poly.type   'polypeptide(L)'
_entity_poly.pdbx_seq_one_letter_code
;SNAQVQVGAPEEEEEEEEDAGLVAEAEAVAAGWMLDFLCLSLCRAFRDGRSEDFRRTRNSAEAIIHGLSSLTACQLRTIY
ICQFLTRIAAGKTLDAQFENDERITPLESALMIWGSIEKEHDKLHEEIQNLIKIQAIAVCMENGNFKEAEEVFERIFGDP
NSHMPFKSKLLMIISQKDTFHSFFQHFSYNHMMEKIKSYVNYVLSEKSSTFLMKAAAKVVESKR
;
_entity_poly.pdbx_strand_id   A
#
# COMPACT_ATOMS: atom_id res chain seq x y z
N GLU A 18 -8.99 -40.53 -4.40
CA GLU A 18 -8.56 -39.15 -4.17
C GLU A 18 -9.36 -38.50 -3.04
N ASP A 19 -8.67 -37.82 -2.11
CA ASP A 19 -9.35 -37.18 -0.99
C ASP A 19 -9.58 -35.71 -1.28
N ALA A 20 -10.85 -35.32 -1.51
CA ALA A 20 -11.29 -33.95 -1.80
C ALA A 20 -11.00 -32.95 -0.67
N GLY A 21 -10.78 -33.44 0.55
CA GLY A 21 -10.47 -32.58 1.68
C GLY A 21 -8.99 -32.24 1.73
N LEU A 22 -8.14 -33.24 1.51
CA LEU A 22 -6.68 -33.06 1.48
C LEU A 22 -6.22 -32.36 0.19
N VAL A 23 -6.99 -32.50 -0.90
CA VAL A 23 -6.71 -31.84 -2.17
C VAL A 23 -7.02 -30.34 -2.01
N ALA A 24 -8.15 -30.01 -1.32
CA ALA A 24 -8.54 -28.64 -1.01
C ALA A 24 -7.52 -28.01 -0.08
N GLU A 25 -7.00 -28.77 0.90
CA GLU A 25 -5.99 -28.29 1.85
C GLU A 25 -4.69 -27.92 1.13
N ALA A 26 -4.27 -28.73 0.15
CA ALA A 26 -3.07 -28.49 -0.65
C ALA A 26 -3.25 -27.20 -1.48
N GLU A 27 -4.47 -26.95 -1.99
CA GLU A 27 -4.78 -25.74 -2.74
C GLU A 27 -4.74 -24.50 -1.86
N ALA A 28 -5.11 -24.63 -0.58
CA ALA A 28 -5.05 -23.53 0.38
C ALA A 28 -3.60 -23.22 0.77
N VAL A 29 -2.74 -24.26 0.85
CA VAL A 29 -1.31 -24.08 1.14
C VAL A 29 -0.66 -23.31 -0.02
N ALA A 30 -0.91 -23.77 -1.26
CA ALA A 30 -0.38 -23.15 -2.47
C ALA A 30 -0.87 -21.74 -2.61
N ALA A 31 -2.14 -21.47 -2.28
CA ALA A 31 -2.70 -20.11 -2.34
C ALA A 31 -1.94 -19.18 -1.38
N GLY A 32 -1.59 -19.69 -0.19
CA GLY A 32 -0.85 -18.94 0.81
C GLY A 32 0.54 -18.58 0.30
N TRP A 33 1.20 -19.55 -0.36
CA TRP A 33 2.51 -19.38 -0.99
C TRP A 33 2.44 -18.34 -2.11
N MET A 34 1.41 -18.43 -2.96
CA MET A 34 1.18 -17.48 -4.05
C MET A 34 0.93 -16.08 -3.51
N LEU A 35 0.15 -15.95 -2.43
CA LEU A 35 -0.13 -14.65 -1.81
C LEU A 35 1.13 -13.93 -1.38
N ASP A 36 2.04 -14.63 -0.67
CA ASP A 36 3.28 -14.03 -0.20
C ASP A 36 4.17 -13.65 -1.36
N PHE A 37 4.26 -14.53 -2.38
CA PHE A 37 5.07 -14.27 -3.56
C PHE A 37 4.55 -13.01 -4.29
N LEU A 38 3.22 -12.88 -4.44
CA LEU A 38 2.65 -11.73 -5.11
C LEU A 38 2.76 -10.45 -4.28
N CYS A 39 2.83 -10.55 -2.94
CA CYS A 39 3.00 -9.37 -2.10
C CYS A 39 4.41 -8.80 -2.30
N LEU A 40 5.40 -9.69 -2.30
CA LEU A 40 6.83 -9.41 -2.52
C LEU A 40 6.99 -8.75 -3.90
N SER A 41 6.31 -9.31 -4.91
CA SER A 41 6.40 -8.80 -6.26
C SER A 41 5.74 -7.43 -6.37
N LEU A 42 4.64 -7.21 -5.66
CA LEU A 42 3.93 -5.93 -5.62
C LEU A 42 4.82 -4.87 -4.95
N CYS A 43 5.54 -5.25 -3.89
CA CYS A 43 6.43 -4.36 -3.14
C CYS A 43 7.60 -3.88 -3.98
N ARG A 44 8.19 -4.76 -4.81
CA ARG A 44 9.31 -4.39 -5.67
C ARG A 44 8.82 -3.49 -6.78
N ALA A 45 7.66 -3.79 -7.39
CA ALA A 45 7.14 -2.96 -8.48
C ALA A 45 6.83 -1.55 -8.01
N PHE A 46 6.30 -1.41 -6.78
CA PHE A 46 5.98 -0.13 -6.16
C PHE A 46 7.27 0.64 -5.89
N ARG A 47 8.30 -0.04 -5.36
CA ARG A 47 9.62 0.52 -5.07
C ARG A 47 10.30 1.03 -6.36
N ASP A 48 10.27 0.21 -7.42
CA ASP A 48 10.88 0.52 -8.72
C ASP A 48 10.06 1.48 -9.59
N GLY A 49 8.79 1.66 -9.28
CA GLY A 49 7.91 2.52 -10.06
C GLY A 49 7.48 1.88 -11.37
N ARG A 50 7.45 0.54 -11.41
CA ARG A 50 7.03 -0.18 -12.60
C ARG A 50 5.50 -0.29 -12.57
N SER A 51 4.81 0.77 -13.03
CA SER A 51 3.35 0.89 -13.02
C SER A 51 2.55 -0.28 -13.60
N GLU A 52 2.89 -0.69 -14.83
CA GLU A 52 2.21 -1.77 -15.51
C GLU A 52 2.43 -3.08 -14.81
N ASP A 53 3.65 -3.31 -14.28
CA ASP A 53 3.96 -4.50 -13.51
C ASP A 53 3.18 -4.50 -12.19
N PHE A 54 3.06 -3.32 -11.55
CA PHE A 54 2.27 -3.16 -10.34
C PHE A 54 0.79 -3.54 -10.60
N ARG A 55 0.19 -2.98 -11.67
CA ARG A 55 -1.19 -3.27 -12.05
C ARG A 55 -1.41 -4.76 -12.31
N ARG A 56 -0.50 -5.41 -13.06
CA ARG A 56 -0.64 -6.84 -13.33
C ARG A 56 -0.51 -7.72 -12.08
N THR A 57 0.45 -7.41 -11.20
CA THR A 57 0.66 -8.15 -9.96
C THR A 57 -0.53 -7.93 -8.98
N ARG A 58 -1.09 -6.69 -8.93
CA ARG A 58 -2.25 -6.35 -8.11
C ARG A 58 -3.44 -7.21 -8.57
N ASN A 59 -3.65 -7.31 -9.89
CA ASN A 59 -4.74 -8.09 -10.46
C ASN A 59 -4.59 -9.56 -10.11
N SER A 60 -3.35 -10.10 -10.13
CA SER A 60 -3.10 -11.48 -9.78
C SER A 60 -3.28 -11.75 -8.29
N ALA A 61 -2.83 -10.83 -7.43
CA ALA A 61 -2.94 -10.98 -5.99
C ALA A 61 -4.39 -10.91 -5.61
N GLU A 62 -5.14 -9.96 -6.15
CA GLU A 62 -6.55 -9.81 -5.86
C GLU A 62 -7.34 -11.05 -6.27
N ALA A 63 -6.98 -11.69 -7.38
CA ALA A 63 -7.65 -12.89 -7.82
C ALA A 63 -7.34 -14.08 -6.89
N ILE A 64 -6.06 -14.21 -6.47
CA ILE A 64 -5.58 -15.27 -5.58
C ILE A 64 -6.25 -15.15 -4.21
N ILE A 65 -6.41 -13.91 -3.73
CA ILE A 65 -7.06 -13.61 -2.46
C ILE A 65 -8.51 -14.07 -2.48
N HIS A 66 -9.20 -13.99 -3.63
CA HIS A 66 -10.58 -14.49 -3.78
C HIS A 66 -10.68 -16.00 -3.59
N GLY A 67 -9.60 -16.72 -3.83
CA GLY A 67 -9.56 -18.16 -3.62
C GLY A 67 -9.33 -18.58 -2.17
N LEU A 68 -9.17 -17.60 -1.27
CA LEU A 68 -8.95 -17.84 0.16
C LEU A 68 -10.21 -17.44 0.94
N SER A 69 -10.73 -18.30 1.83
CA SER A 69 -11.91 -17.95 2.63
C SER A 69 -11.59 -17.76 4.12
N SER A 70 -10.47 -18.30 4.59
CA SER A 70 -10.03 -18.14 5.96
C SER A 70 -8.60 -17.68 5.94
N LEU A 71 -8.29 -16.59 6.66
CA LEU A 71 -6.94 -16.07 6.69
C LEU A 71 -6.36 -16.01 8.09
N THR A 72 -5.08 -16.37 8.24
CA THR A 72 -4.38 -16.27 9.52
C THR A 72 -4.08 -14.77 9.81
N ALA A 73 -3.57 -14.44 11.01
CA ALA A 73 -3.23 -13.06 11.35
C ALA A 73 -2.17 -12.49 10.37
N CYS A 74 -1.18 -13.33 10.00
N CYS A 74 -1.18 -13.33 10.00
CA CYS A 74 -0.10 -12.99 9.08
CA CYS A 74 -0.13 -12.93 9.08
C CYS A 74 -0.64 -12.75 7.68
C CYS A 74 -0.66 -12.73 7.68
N GLN A 75 -1.63 -13.55 7.26
CA GLN A 75 -2.23 -13.42 5.93
C GLN A 75 -3.10 -12.17 5.85
N LEU A 76 -3.77 -11.79 6.94
CA LEU A 76 -4.58 -10.58 6.94
C LEU A 76 -3.67 -9.36 6.79
N ARG A 77 -2.55 -9.31 7.52
CA ARG A 77 -1.57 -8.24 7.37
C ARG A 77 -1.08 -8.12 5.93
N THR A 78 -0.84 -9.27 5.28
CA THR A 78 -0.38 -9.33 3.90
C THR A 78 -1.36 -8.70 2.92
N ILE A 79 -2.64 -9.10 2.96
CA ILE A 79 -3.63 -8.53 2.05
C ILE A 79 -3.85 -7.05 2.34
N TYR A 80 -3.79 -6.61 3.60
CA TYR A 80 -4.00 -5.21 3.96
C TYR A 80 -2.82 -4.35 3.49
N ILE A 81 -1.59 -4.90 3.47
CA ILE A 81 -0.43 -4.16 2.92
C ILE A 81 -0.66 -4.01 1.39
N CYS A 82 -1.14 -5.07 0.73
CA CYS A 82 -1.44 -5.03 -0.68
C CYS A 82 -2.51 -3.98 -1.00
N GLN A 83 -3.61 -3.95 -0.22
CA GLN A 83 -4.69 -2.98 -0.38
C GLN A 83 -4.18 -1.56 -0.17
N PHE A 84 -3.32 -1.36 0.84
CA PHE A 84 -2.74 -0.07 1.16
C PHE A 84 -1.90 0.44 -0.01
N LEU A 85 -0.99 -0.40 -0.56
CA LEU A 85 -0.14 0.04 -1.67
C LEU A 85 -0.91 0.34 -2.94
N THR A 86 -2.02 -0.36 -3.15
CA THR A 86 -2.93 -0.19 -4.28
C THR A 86 -3.57 1.22 -4.23
N ARG A 87 -4.04 1.65 -3.04
CA ARG A 87 -4.65 2.98 -2.86
C ARG A 87 -3.60 4.06 -2.98
N ILE A 88 -2.39 3.83 -2.43
CA ILE A 88 -1.31 4.81 -2.53
C ILE A 88 -0.91 4.98 -3.98
N ALA A 89 -0.85 3.88 -4.77
CA ALA A 89 -0.49 3.97 -6.19
C ALA A 89 -1.57 4.72 -6.98
N ALA A 90 -2.83 4.60 -6.58
CA ALA A 90 -3.95 5.30 -7.21
C ALA A 90 -4.19 6.73 -6.65
N GLY A 91 -3.34 7.19 -5.73
CA GLY A 91 -3.45 8.48 -5.06
C GLY A 91 -3.78 9.68 -5.89
N LYS A 92 -3.14 9.84 -7.07
CA LYS A 92 -3.42 10.99 -7.94
C LYS A 92 -4.43 10.69 -9.05
N THR A 93 -5.19 9.58 -8.94
CA THR A 93 -6.15 9.19 -9.98
C THR A 93 -7.57 9.52 -9.57
N GLU A 102 -16.52 3.51 -2.61
CA GLU A 102 -16.20 3.86 -1.22
C GLU A 102 -16.75 5.25 -0.81
N ARG A 103 -16.76 6.26 -1.76
CA ARG A 103 -17.26 7.65 -1.59
C ARG A 103 -16.19 8.63 -1.04
N ILE A 104 -14.96 8.13 -0.87
CA ILE A 104 -13.81 8.86 -0.41
C ILE A 104 -12.72 8.67 -1.50
N THR A 105 -11.63 9.42 -1.39
CA THR A 105 -10.54 9.36 -2.36
C THR A 105 -9.58 8.19 -2.07
N PRO A 106 -8.79 7.71 -3.07
CA PRO A 106 -7.82 6.64 -2.79
C PRO A 106 -6.88 6.87 -1.57
N LEU A 107 -6.38 8.08 -1.36
CA LEU A 107 -5.50 8.38 -0.21
C LEU A 107 -6.26 8.37 1.11
N GLU A 108 -7.52 8.81 1.12
CA GLU A 108 -8.35 8.72 2.34
C GLU A 108 -8.62 7.25 2.70
N SER A 109 -8.77 6.40 1.69
CA SER A 109 -8.98 4.96 1.80
C SER A 109 -7.69 4.26 2.27
N ALA A 110 -6.52 4.70 1.79
CA ALA A 110 -5.21 4.20 2.23
C ALA A 110 -5.04 4.56 3.72
N LEU A 111 -5.48 5.75 4.14
CA LEU A 111 -5.42 6.23 5.50
C LEU A 111 -6.23 5.34 6.42
N MET A 112 -7.40 4.83 5.95
CA MET A 112 -8.21 3.93 6.75
C MET A 112 -7.55 2.57 6.92
N ILE A 113 -6.90 2.06 5.86
CA ILE A 113 -6.21 0.77 5.96
C ILE A 113 -5.03 0.91 6.92
N TRP A 114 -4.24 1.99 6.75
CA TRP A 114 -3.15 2.35 7.65
C TRP A 114 -3.81 2.72 8.99
N GLY A 115 -3.21 2.29 10.08
CA GLY A 115 -3.82 2.54 11.39
C GLY A 115 -4.27 1.21 11.91
N SER A 116 -5.07 0.49 11.10
CA SER A 116 -5.44 -0.88 11.43
C SER A 116 -4.25 -1.85 11.13
N ILE A 117 -3.21 -1.40 10.39
CA ILE A 117 -2.00 -2.19 10.11
C ILE A 117 -0.72 -1.41 10.50
N GLU A 118 0.33 -2.16 10.88
CA GLU A 118 1.64 -1.64 11.27
C GLU A 118 1.59 -0.52 12.31
N LYS A 119 0.81 -0.73 13.38
CA LYS A 119 0.66 0.28 14.43
C LYS A 119 1.78 0.20 15.49
N GLU A 120 2.37 -1.00 15.67
CA GLU A 120 3.42 -1.30 16.65
C GLU A 120 4.64 -0.37 16.60
N HIS A 121 4.98 0.17 15.42
CA HIS A 121 6.14 1.07 15.25
C HIS A 121 5.57 2.48 15.11
N ASP A 122 5.12 3.04 16.24
CA ASP A 122 4.42 4.33 16.36
C ASP A 122 5.08 5.55 15.68
N LYS A 123 6.41 5.77 15.86
CA LYS A 123 7.10 6.92 15.27
C LYS A 123 6.99 6.99 13.75
N LEU A 124 7.41 5.94 13.04
CA LEU A 124 7.32 5.89 11.57
C LEU A 124 5.88 5.81 11.08
N HIS A 125 4.97 5.22 11.90
CA HIS A 125 3.55 5.07 11.59
C HIS A 125 2.88 6.42 11.54
N GLU A 126 3.16 7.27 12.54
CA GLU A 126 2.60 8.61 12.61
C GLU A 126 3.10 9.50 11.48
N GLU A 127 4.38 9.35 11.08
CA GLU A 127 4.93 10.16 9.98
C GLU A 127 4.17 9.88 8.68
N ILE A 128 3.99 8.60 8.34
CA ILE A 128 3.28 8.18 7.13
C ILE A 128 1.81 8.59 7.22
N GLN A 129 1.19 8.40 8.39
CA GLN A 129 -0.21 8.79 8.59
C GLN A 129 -0.43 10.29 8.32
N ASN A 130 0.38 11.15 8.95
CA ASN A 130 0.27 12.59 8.76
C ASN A 130 0.62 13.03 7.35
N LEU A 131 1.58 12.37 6.69
CA LEU A 131 1.90 12.70 5.31
C LEU A 131 0.74 12.34 4.39
N ILE A 132 0.06 11.19 4.63
CA ILE A 132 -1.08 10.79 3.80
C ILE A 132 -2.22 11.76 4.02
N LYS A 133 -2.49 12.14 5.28
CA LYS A 133 -3.54 13.10 5.63
C LYS A 133 -3.38 14.43 4.86
N ILE A 134 -2.14 14.97 4.82
CA ILE A 134 -1.88 16.24 4.15
C ILE A 134 -1.97 16.05 2.64
N GLN A 135 -1.40 14.96 2.12
CA GLN A 135 -1.41 14.71 0.69
C GLN A 135 -2.77 14.37 0.13
N ALA A 136 -3.71 13.84 0.94
CA ALA A 136 -5.05 13.56 0.43
C ALA A 136 -5.77 14.88 0.03
N ILE A 137 -5.42 15.99 0.72
CA ILE A 137 -5.89 17.31 0.39
C ILE A 137 -5.07 17.88 -0.77
N ALA A 138 -3.71 17.85 -0.67
CA ALA A 138 -2.84 18.44 -1.69
C ALA A 138 -3.01 17.87 -3.08
N VAL A 139 -3.32 16.58 -3.24
CA VAL A 139 -3.50 16.01 -4.57
C VAL A 139 -4.76 16.56 -5.24
N CYS A 140 -5.79 16.93 -4.47
CA CYS A 140 -7.01 17.53 -4.99
C CYS A 140 -6.72 18.96 -5.47
N MET A 141 -5.88 19.70 -4.72
CA MET A 141 -5.45 21.04 -5.08
C MET A 141 -4.60 21.00 -6.34
N GLU A 142 -3.67 20.03 -6.42
CA GLU A 142 -2.82 19.85 -7.59
C GLU A 142 -3.66 19.55 -8.85
N ASN A 143 -4.74 18.79 -8.71
CA ASN A 143 -5.65 18.49 -9.82
C ASN A 143 -6.67 19.62 -10.15
N GLY A 144 -6.63 20.72 -9.42
CA GLY A 144 -7.53 21.86 -9.62
C GLY A 144 -8.92 21.69 -9.03
N ASN A 145 -9.13 20.67 -8.20
CA ASN A 145 -10.45 20.43 -7.59
C ASN A 145 -10.44 20.82 -6.11
N PHE A 146 -10.60 22.12 -5.87
CA PHE A 146 -10.55 22.75 -4.56
C PHE A 146 -11.80 22.50 -3.73
N LYS A 147 -12.95 22.29 -4.37
CA LYS A 147 -14.17 21.93 -3.65
C LYS A 147 -13.96 20.54 -3.02
N GLU A 148 -13.32 19.61 -3.75
CA GLU A 148 -13.02 18.28 -3.25
C GLU A 148 -11.96 18.33 -2.18
N ALA A 149 -10.97 19.23 -2.29
CA ALA A 149 -9.91 19.40 -1.31
C ALA A 149 -10.52 19.78 0.05
N GLU A 150 -11.52 20.68 0.07
CA GLU A 150 -12.24 21.10 1.28
C GLU A 150 -13.10 19.95 1.83
N GLU A 151 -13.68 19.13 0.95
CA GLU A 151 -14.51 17.99 1.34
C GLU A 151 -13.66 16.90 2.00
N VAL A 152 -12.45 16.69 1.50
CA VAL A 152 -11.50 15.73 2.05
C VAL A 152 -11.07 16.27 3.43
N PHE A 153 -10.74 17.57 3.52
CA PHE A 153 -10.34 18.21 4.75
C PHE A 153 -11.41 18.05 5.85
N GLU A 154 -12.68 18.25 5.49
CA GLU A 154 -13.78 18.14 6.43
C GLU A 154 -13.90 16.72 6.96
N ARG A 155 -13.73 15.71 6.08
CA ARG A 155 -13.82 14.29 6.44
C ARG A 155 -12.63 13.84 7.32
N ILE A 156 -11.40 14.35 7.05
CA ILE A 156 -10.21 13.95 7.81
C ILE A 156 -10.07 14.72 9.15
N PHE A 157 -10.26 16.03 9.11
CA PHE A 157 -10.09 16.90 10.26
C PHE A 157 -11.44 17.48 10.63
N LYS A 167 -5.59 23.56 12.16
CA LYS A 167 -6.67 23.15 11.26
C LYS A 167 -7.19 24.39 10.53
N SER A 168 -7.37 25.50 11.27
CA SER A 168 -7.84 26.77 10.71
C SER A 168 -6.85 27.31 9.65
N LYS A 169 -5.55 27.02 9.81
CA LYS A 169 -4.52 27.46 8.87
C LYS A 169 -4.50 26.58 7.64
N LEU A 170 -4.75 25.28 7.79
CA LEU A 170 -4.83 24.37 6.65
C LEU A 170 -6.06 24.70 5.80
N LEU A 171 -7.18 25.05 6.44
CA LEU A 171 -8.41 25.44 5.74
C LEU A 171 -8.21 26.79 5.00
N MET A 172 -7.36 27.68 5.55
CA MET A 172 -7.05 28.96 4.93
C MET A 172 -6.27 28.70 3.65
N ILE A 173 -5.25 27.82 3.72
CA ILE A 173 -4.42 27.39 2.59
C ILE A 173 -5.28 26.89 1.41
N ILE A 174 -6.25 26.00 1.69
CA ILE A 174 -7.15 25.43 0.69
C ILE A 174 -8.02 26.52 0.10
N SER A 175 -8.69 27.35 0.96
CA SER A 175 -9.53 28.46 0.52
C SER A 175 -8.80 29.40 -0.40
N GLN A 176 -7.51 29.64 -0.12
CA GLN A 176 -6.71 30.55 -0.94
C GLN A 176 -6.03 29.89 -2.15
N LYS A 177 -6.21 28.57 -2.35
CA LYS A 177 -5.59 27.82 -3.45
C LYS A 177 -4.05 28.01 -3.43
N ASP A 178 -3.49 27.95 -2.21
CA ASP A 178 -2.07 28.13 -1.99
C ASP A 178 -1.38 26.79 -2.02
N THR A 179 -1.39 26.15 -3.19
CA THR A 179 -0.85 24.81 -3.40
C THR A 179 0.62 24.68 -3.06
N PHE A 180 1.40 25.75 -3.29
CA PHE A 180 2.86 25.67 -3.08
C PHE A 180 3.30 26.31 -1.77
N HIS A 181 2.41 26.44 -0.79
CA HIS A 181 2.70 26.94 0.55
C HIS A 181 3.87 26.09 1.16
N SER A 182 4.75 26.69 1.98
CA SER A 182 5.86 25.97 2.60
C SER A 182 5.43 24.75 3.42
N PHE A 183 4.17 24.72 3.91
CA PHE A 183 3.61 23.61 4.67
C PHE A 183 3.54 22.37 3.77
N PHE A 184 3.06 22.57 2.53
CA PHE A 184 2.94 21.51 1.52
C PHE A 184 4.28 21.05 0.96
N GLN A 185 5.35 21.81 1.17
CA GLN A 185 6.66 21.44 0.70
C GLN A 185 7.41 20.58 1.76
N HIS A 186 7.07 20.74 3.04
CA HIS A 186 7.60 19.87 4.09
C HIS A 186 6.75 18.58 4.04
N PHE A 187 5.42 18.71 3.95
CA PHE A 187 4.53 17.54 3.90
C PHE A 187 4.21 17.26 2.44
N SER A 188 5.23 16.97 1.66
CA SER A 188 5.11 16.80 0.23
C SER A 188 4.78 15.38 -0.22
N TYR A 189 4.47 15.24 -1.51
CA TYR A 189 4.15 14.00 -2.15
C TYR A 189 5.39 13.12 -2.21
N ASN A 190 6.54 13.69 -2.62
CA ASN A 190 7.81 13.01 -2.69
C ASN A 190 8.20 12.50 -1.32
N HIS A 191 8.01 13.32 -0.26
CA HIS A 191 8.29 12.89 1.12
C HIS A 191 7.36 11.78 1.57
N MET A 192 6.09 11.82 1.13
CA MET A 192 5.14 10.76 1.47
C MET A 192 5.61 9.45 0.80
N MET A 193 5.93 9.52 -0.49
CA MET A 193 6.44 8.37 -1.21
C MET A 193 7.74 7.83 -0.61
N GLU A 194 8.72 8.70 -0.26
CA GLU A 194 9.98 8.25 0.35
C GLU A 194 9.73 7.49 1.66
N LYS A 195 8.88 8.02 2.56
CA LYS A 195 8.56 7.34 3.82
C LYS A 195 7.86 6.00 3.57
N ILE A 196 6.89 5.98 2.65
CA ILE A 196 6.17 4.74 2.32
C ILE A 196 7.12 3.72 1.69
N LYS A 197 8.02 4.15 0.81
CA LYS A 197 9.01 3.29 0.17
C LYS A 197 9.96 2.67 1.18
N SER A 198 10.33 3.42 2.23
N SER A 198 10.33 3.42 2.23
CA SER A 198 11.19 2.87 3.27
CA SER A 198 11.20 2.87 3.27
C SER A 198 10.43 1.79 4.07
C SER A 198 10.44 1.81 4.09
N TYR A 199 9.11 1.95 4.24
CA TYR A 199 8.28 0.96 4.92
C TYR A 199 8.20 -0.29 4.01
N VAL A 200 7.96 -0.09 2.71
CA VAL A 200 7.87 -1.19 1.76
C VAL A 200 9.15 -2.02 1.74
N ASN A 201 10.33 -1.38 1.97
CA ASN A 201 11.64 -2.04 2.03
C ASN A 201 11.74 -2.99 3.23
N TYR A 202 11.06 -2.66 4.35
CA TYR A 202 11.03 -3.51 5.55
C TYR A 202 10.14 -4.74 5.26
N VAL A 203 9.00 -4.53 4.58
CA VAL A 203 8.09 -5.61 4.19
C VAL A 203 8.82 -6.54 3.21
N LEU A 204 9.52 -5.95 2.25
CA LEU A 204 10.31 -6.61 1.21
C LEU A 204 11.39 -7.51 1.82
N SER A 205 12.08 -7.02 2.88
N SER A 205 12.08 -7.02 2.88
CA SER A 205 13.11 -7.81 3.54
CA SER A 205 13.11 -7.81 3.53
C SER A 205 12.51 -8.95 4.36
C SER A 205 12.51 -8.95 4.36
N GLU A 206 11.34 -8.71 4.97
CA GLU A 206 10.68 -9.73 5.80
C GLU A 206 10.16 -10.91 4.96
N LYS A 207 9.74 -10.64 3.72
CA LYS A 207 9.17 -11.66 2.84
C LYS A 207 10.13 -12.21 1.78
N SER A 208 11.33 -11.65 1.66
N SER A 208 11.34 -11.64 1.65
CA SER A 208 12.35 -12.08 0.68
CA SER A 208 12.34 -12.08 0.68
C SER A 208 12.68 -13.56 0.75
C SER A 208 12.69 -13.57 0.76
N SER A 209 12.46 -14.19 1.92
CA SER A 209 12.75 -15.61 2.12
C SER A 209 11.50 -16.49 2.17
N THR A 210 10.37 -16.06 1.56
CA THR A 210 9.17 -16.90 1.55
C THR A 210 9.37 -18.08 0.56
N PHE A 211 8.65 -19.19 0.78
CA PHE A 211 8.81 -20.43 0.00
C PHE A 211 8.86 -20.27 -1.51
N LEU A 212 7.85 -19.64 -2.13
CA LEU A 212 7.79 -19.56 -3.58
C LEU A 212 8.93 -18.77 -4.20
N MET A 213 9.28 -17.59 -3.67
CA MET A 213 10.39 -16.80 -4.20
C MET A 213 11.74 -17.46 -3.98
N LYS A 214 11.94 -18.08 -2.81
CA LYS A 214 13.19 -18.75 -2.48
C LYS A 214 13.44 -19.93 -3.42
N ALA A 215 12.42 -20.74 -3.69
CA ALA A 215 12.55 -21.88 -4.59
C ALA A 215 12.81 -21.40 -6.03
N ALA A 216 12.14 -20.32 -6.44
CA ALA A 216 12.29 -19.76 -7.78
C ALA A 216 13.68 -19.18 -8.00
N ALA A 217 14.22 -18.42 -7.03
CA ALA A 217 15.56 -17.83 -7.12
C ALA A 217 16.61 -18.94 -7.20
N LYS A 218 16.41 -20.04 -6.45
CA LYS A 218 17.31 -21.18 -6.45
C LYS A 218 17.40 -21.80 -7.85
N VAL A 219 16.27 -21.92 -8.58
CA VAL A 219 16.25 -22.47 -9.93
C VAL A 219 17.05 -21.57 -10.89
N VAL A 220 16.87 -20.25 -10.79
CA VAL A 220 17.59 -19.29 -11.61
C VAL A 220 19.11 -19.36 -11.35
N GLU A 221 19.53 -19.41 -10.07
CA GLU A 221 20.95 -19.50 -9.71
C GLU A 221 21.57 -20.86 -10.04
N SER A 222 20.73 -21.92 -10.12
CA SER A 222 21.22 -23.25 -10.48
C SER A 222 21.73 -23.29 -11.93
N LYS A 223 21.08 -22.53 -12.83
CA LYS A 223 21.49 -22.45 -14.24
C LYS A 223 22.71 -21.52 -14.41
N ARG A 224 22.60 -20.26 -13.95
CA ARG A 224 23.69 -19.30 -14.06
#